data_3CVQ
#
_entry.id   3CVQ
#
_cell.length_a   68.794
_cell.length_b   68.794
_cell.length_c   230.232
_cell.angle_alpha   90.00
_cell.angle_beta   90.00
_cell.angle_gamma   90.00
#
_symmetry.space_group_name_H-M   'P 41 21 2'
#
loop_
_entity.id
_entity.type
_entity.pdbx_description
1 polymer 'Peroxisome targeting signal 1 receptor PEX5'
2 polymer 'PTS1 peptide 7-SKL (Ac-SNRWSKL)'
3 non-polymer GLYCEROL
4 water water
#
loop_
_entity_poly.entity_id
_entity_poly.type
_entity_poly.pdbx_seq_one_letter_code
_entity_poly.pdbx_strand_id
1 'polypeptide(L)'
;GHMLQNNTDYPFEANNPYMYHENPMEEGLSMLKLANLAEAALAFEAVCQKEPEREEAWRSLGLTQAENEKDGLAIIALNH
ARALDPADIAVHAALAVSHTNEHNANAALASLRAWLLSQPQYEQLGSVNLQADVDIDDLNVQSEDFFFAAPNEYRECRTL
LHAALEMNPNDAQLHASLGVLYNLSNNYDSAAANLRRAVELRPDDAQLWNKLGATLANGNRPQEALDAYNRALDINPGYV
RVMYNMAVSYSNMSQYDLAAKQLVRAIYMQVGGTTPTGEASREATRSMWDFFRMLLNVMNRPDLVELTYAQNVEPFAKEF
GLQSMLL
;
A
2 'polypeptide(L)' (SAC)NRWSKL B
#
# COMPACT_ATOMS: atom_id res chain seq x y z
N ASN A 7 5.31 3.83 21.26
CA ASN A 7 4.33 4.09 20.17
C ASN A 7 4.81 5.17 19.17
N THR A 8 5.70 6.05 19.62
CA THR A 8 6.11 7.23 18.82
C THR A 8 7.16 6.92 17.77
N ASP A 9 8.26 6.30 18.19
CA ASP A 9 9.39 6.14 17.27
C ASP A 9 9.44 4.80 16.54
N TYR A 10 10.21 4.82 15.46
CA TYR A 10 10.45 3.70 14.55
C TYR A 10 11.36 2.62 15.17
N PRO A 11 11.01 1.33 15.02
CA PRO A 11 11.97 0.31 15.45
C PRO A 11 13.01 0.12 14.36
N PHE A 12 14.11 0.86 14.47
CA PHE A 12 15.17 0.84 13.48
C PHE A 12 15.92 -0.49 13.49
N GLU A 13 16.27 -0.97 12.31
CA GLU A 13 16.94 -2.27 12.18
C GLU A 13 18.42 -2.10 12.48
N ALA A 14 18.93 -2.93 13.38
CA ALA A 14 20.33 -2.84 13.82
C ALA A 14 21.30 -3.20 12.69
N ASN A 15 22.59 -2.94 12.91
CA ASN A 15 23.65 -3.20 11.91
C ASN A 15 23.30 -2.64 10.52
N ASN A 16 22.91 -1.38 10.48
CA ASN A 16 22.60 -0.73 9.21
C ASN A 16 23.87 -0.33 8.47
N PRO A 17 24.18 -1.03 7.35
CA PRO A 17 25.39 -0.79 6.54
C PRO A 17 25.48 0.62 5.93
N TYR A 18 24.41 1.41 6.08
CA TYR A 18 24.36 2.77 5.55
C TYR A 18 24.62 3.82 6.60
N MET A 19 24.81 3.40 7.85
CA MET A 19 25.30 4.30 8.89
C MET A 19 26.75 4.71 8.59
N TYR A 20 27.36 4.01 7.62
CA TYR A 20 28.74 4.22 7.23
C TYR A 20 28.89 4.88 5.86
N HIS A 21 27.77 5.18 5.19
CA HIS A 21 27.81 5.76 3.84
C HIS A 21 27.51 7.26 3.81
N GLU A 22 28.39 8.03 3.17
CA GLU A 22 28.20 9.48 2.98
C GLU A 22 27.05 9.78 2.01
N ASN A 23 25.99 10.41 2.51
CA ASN A 23 24.68 10.51 1.83
C ASN A 23 24.10 9.19 1.27
N PRO A 24 23.27 8.48 2.06
CA PRO A 24 22.62 7.24 1.63
C PRO A 24 21.23 7.45 0.99
N MET A 25 20.69 8.66 1.12
CA MET A 25 19.46 9.08 0.46
C MET A 25 19.51 8.76 -1.04
N GLU A 26 20.63 9.13 -1.68
CA GLU A 26 20.84 8.89 -3.11
C GLU A 26 21.04 7.41 -3.44
N GLU A 27 21.71 6.67 -2.56
CA GLU A 27 21.85 5.23 -2.72
C GLU A 27 20.47 4.56 -2.76
N GLY A 28 19.66 4.84 -1.76
CA GLY A 28 18.28 4.35 -1.70
C GLY A 28 17.39 4.80 -2.83
N LEU A 29 17.38 6.10 -3.14
CA LEU A 29 16.48 6.63 -4.16
C LEU A 29 16.58 5.88 -5.48
N SER A 30 17.77 5.32 -5.74
CA SER A 30 18.00 4.59 -6.99
C SER A 30 17.96 3.08 -6.81
N MET A 31 17.96 2.61 -5.57
CA MET A 31 17.53 1.24 -5.29
C MET A 31 16.00 1.09 -5.55
N LEU A 32 15.23 2.13 -5.22
CA LEU A 32 13.84 2.25 -5.62
C LEU A 32 13.75 2.31 -7.14
N LYS A 33 14.67 3.05 -7.77
CA LYS A 33 14.82 2.99 -9.24
C LYS A 33 15.23 1.58 -9.74
N LEU A 34 16.08 0.88 -8.98
CA LEU A 34 16.52 -0.47 -9.33
C LEU A 34 15.51 -1.57 -8.97
N ALA A 35 14.27 -1.18 -8.73
CA ALA A 35 13.17 -2.06 -8.30
C ALA A 35 13.58 -3.00 -7.14
N ASN A 36 14.02 -2.39 -6.05
CA ASN A 36 14.49 -3.17 -4.90
C ASN A 36 14.15 -2.53 -3.54
N LEU A 37 12.92 -2.74 -3.09
CA LEU A 37 12.37 -2.05 -1.92
C LEU A 37 13.03 -2.37 -0.56
N ALA A 38 13.33 -3.65 -0.31
CA ALA A 38 13.88 -4.09 0.96
C ALA A 38 15.11 -3.26 1.33
N GLU A 39 16.02 -3.16 0.36
CA GLU A 39 17.25 -2.37 0.43
C GLU A 39 16.95 -0.88 0.66
N ALA A 40 16.42 -0.21 -0.36
CA ALA A 40 16.00 1.20 -0.30
C ALA A 40 15.32 1.63 1.00
N ALA A 41 14.72 0.68 1.72
CA ALA A 41 14.13 0.98 3.01
C ALA A 41 15.20 1.14 4.10
N LEU A 42 16.19 0.23 4.11
CA LEU A 42 17.38 0.32 4.97
C LEU A 42 18.10 1.67 4.82
N ALA A 43 18.50 1.99 3.60
CA ALA A 43 19.10 3.29 3.28
C ALA A 43 18.37 4.45 3.95
N PHE A 44 17.10 4.64 3.56
CA PHE A 44 16.27 5.70 4.13
C PHE A 44 16.17 5.58 5.66
N GLU A 45 16.30 4.36 6.17
CA GLU A 45 16.26 4.17 7.63
C GLU A 45 17.44 4.92 8.28
N ALA A 46 18.58 4.95 7.58
CA ALA A 46 19.77 5.68 8.03
C ALA A 46 19.64 7.22 7.97
N VAL A 47 19.30 7.75 6.79
CA VAL A 47 18.99 9.19 6.61
C VAL A 47 18.06 9.72 7.68
N CYS A 48 17.21 8.84 8.20
CA CYS A 48 16.23 9.25 9.19
C CYS A 48 16.87 9.26 10.55
N GLN A 49 17.87 8.40 10.71
CA GLN A 49 18.60 8.31 11.97
C GLN A 49 19.75 9.32 12.01
N LYS A 50 20.40 9.53 10.85
CA LYS A 50 21.41 10.56 10.70
C LYS A 50 20.79 11.96 10.72
N GLU A 51 19.74 12.17 9.94
CA GLU A 51 19.06 13.48 9.90
C GLU A 51 17.54 13.37 10.19
N PRO A 52 17.17 13.41 11.49
CA PRO A 52 15.77 13.30 11.94
C PRO A 52 14.85 14.34 11.30
N GLU A 53 15.39 15.53 11.06
CA GLU A 53 14.59 16.72 10.72
C GLU A 53 14.29 16.84 9.21
N ARG A 54 14.83 15.93 8.39
CA ARG A 54 14.66 15.97 6.93
C ARG A 54 13.44 15.17 6.47
N GLU A 55 12.42 15.85 5.94
CA GLU A 55 11.10 15.19 5.78
C GLU A 55 11.00 14.20 4.60
N GLU A 56 11.63 14.53 3.48
CA GLU A 56 11.56 13.66 2.31
C GLU A 56 12.24 12.30 2.57
N ALA A 57 12.93 12.20 3.71
CA ALA A 57 13.45 10.91 4.17
C ALA A 57 12.37 10.05 4.84
N TRP A 58 11.57 10.65 5.72
CA TRP A 58 10.54 9.91 6.42
C TRP A 58 9.44 9.50 5.44
N ARG A 59 9.25 10.34 4.42
CA ARG A 59 8.20 10.15 3.41
C ARG A 59 8.60 9.02 2.47
N SER A 60 9.81 9.08 1.96
CA SER A 60 10.33 8.01 1.12
C SER A 60 10.36 6.69 1.89
N LEU A 61 10.68 6.77 3.19
CA LEU A 61 10.69 5.59 4.03
C LEU A 61 9.31 5.02 4.16
N GLY A 62 8.33 5.84 4.50
CA GLY A 62 6.96 5.37 4.65
C GLY A 62 6.42 4.84 3.35
N LEU A 63 6.50 5.67 2.32
CA LEU A 63 6.00 5.38 0.98
C LEU A 63 6.52 4.05 0.44
N THR A 64 7.75 3.71 0.85
CA THR A 64 8.43 2.46 0.48
C THR A 64 8.00 1.26 1.32
N GLN A 65 7.91 1.43 2.64
CA GLN A 65 7.42 0.35 3.49
C GLN A 65 5.98 -0.08 3.17
N ALA A 66 5.16 0.87 2.73
CA ALA A 66 3.82 0.53 2.28
C ALA A 66 3.90 -0.38 1.06
N GLU A 67 4.81 -0.09 0.15
CA GLU A 67 5.00 -0.93 -1.04
C GLU A 67 5.64 -2.27 -0.68
N ASN A 68 6.37 -2.30 0.43
CA ASN A 68 7.07 -3.51 0.85
C ASN A 68 6.24 -4.32 1.83
N GLU A 69 4.93 -4.07 1.80
CA GLU A 69 3.89 -4.83 2.50
C GLU A 69 4.00 -4.77 4.04
N LYS A 70 4.30 -3.58 4.56
CA LYS A 70 4.45 -3.40 5.98
C LYS A 70 3.82 -2.06 6.39
N ASP A 71 2.48 -2.02 6.37
CA ASP A 71 1.71 -0.85 6.78
C ASP A 71 2.06 -0.38 8.19
N GLY A 72 2.38 -1.31 9.08
CA GLY A 72 2.74 -0.97 10.45
C GLY A 72 3.82 0.08 10.41
N LEU A 73 4.96 -0.27 9.83
CA LEU A 73 6.09 0.65 9.88
C LEU A 73 5.84 1.87 9.01
N ALA A 74 5.02 1.69 7.98
CA ALA A 74 4.72 2.77 7.04
C ALA A 74 3.96 3.93 7.71
N ILE A 75 2.98 3.64 8.55
CA ILE A 75 2.23 4.69 9.25
C ILE A 75 3.11 5.46 10.24
N ILE A 76 3.87 4.72 11.04
CA ILE A 76 4.81 5.29 12.02
C ILE A 76 5.73 6.31 11.34
N ALA A 77 6.25 5.91 10.19
CA ALA A 77 7.14 6.74 9.35
C ALA A 77 6.47 7.94 8.70
N LEU A 78 5.27 7.76 8.16
CA LEU A 78 4.54 8.88 7.54
C LEU A 78 4.06 9.93 8.56
N ASN A 79 3.77 9.50 9.79
CA ASN A 79 3.41 10.41 10.89
C ASN A 79 4.52 11.38 11.29
N HIS A 80 5.78 10.95 11.14
CA HIS A 80 6.95 11.79 11.37
C HIS A 80 7.20 12.74 10.20
N ALA A 81 6.95 12.29 8.98
CA ALA A 81 7.00 13.12 7.78
C ALA A 81 5.91 14.19 7.82
N ARG A 82 4.74 13.82 8.35
CA ARG A 82 3.64 14.74 8.55
C ARG A 82 3.97 15.69 9.68
N ALA A 83 4.59 15.16 10.73
CA ALA A 83 5.03 15.96 11.89
C ALA A 83 5.93 17.09 11.43
N LEU A 84 6.74 16.82 10.41
CA LEU A 84 7.66 17.81 9.88
C LEU A 84 6.98 18.76 8.87
N ASP A 85 6.16 18.23 7.96
CA ASP A 85 5.38 19.07 7.02
C ASP A 85 3.93 18.57 6.86
N PRO A 86 2.98 19.22 7.56
CA PRO A 86 1.57 18.85 7.54
C PRO A 86 0.82 19.34 6.32
N ALA A 87 1.52 19.86 5.32
CA ALA A 87 0.88 20.25 4.06
C ALA A 87 1.15 19.25 2.93
N ASP A 88 1.87 18.18 3.24
CA ASP A 88 2.50 17.33 2.24
C ASP A 88 1.51 16.40 1.62
N ILE A 89 0.95 16.75 0.47
CA ILE A 89 -0.16 15.97 -0.12
C ILE A 89 0.20 14.51 -0.40
N ALA A 90 1.42 14.20 -0.81
CA ALA A 90 1.83 12.81 -1.04
C ALA A 90 1.82 11.94 0.23
N VAL A 91 2.08 12.54 1.39
CA VAL A 91 2.07 11.83 2.69
C VAL A 91 0.64 11.56 3.12
N HIS A 92 -0.20 12.56 2.97
CA HIS A 92 -1.59 12.42 3.26
C HIS A 92 -2.32 11.45 2.34
N ALA A 93 -1.92 11.42 1.08
CA ALA A 93 -2.51 10.51 0.12
C ALA A 93 -2.22 9.12 0.60
N ALA A 94 -0.97 8.91 0.99
CA ALA A 94 -0.47 7.64 1.45
C ALA A 94 -1.06 7.24 2.79
N LEU A 95 -1.18 8.20 3.70
CA LEU A 95 -1.82 7.91 4.99
C LEU A 95 -3.20 7.30 4.80
N ALA A 96 -4.05 7.96 4.01
CA ALA A 96 -5.40 7.49 3.71
C ALA A 96 -5.45 6.03 3.22
N VAL A 97 -4.61 5.72 2.23
CA VAL A 97 -4.47 4.36 1.73
C VAL A 97 -4.08 3.37 2.84
N SER A 98 -3.18 3.76 3.73
CA SER A 98 -2.67 2.85 4.76
C SER A 98 -3.67 2.54 5.87
N HIS A 99 -4.34 3.58 6.36
CA HIS A 99 -5.40 3.39 7.35
C HIS A 99 -6.61 2.65 6.76
N THR A 100 -6.92 2.88 5.48
CA THR A 100 -7.98 2.14 4.82
C THR A 100 -7.68 0.64 4.86
N ASN A 101 -6.43 0.28 4.49
CA ASN A 101 -5.94 -1.09 4.62
C ASN A 101 -5.94 -1.62 6.08
N GLU A 102 -5.66 -0.73 7.03
CA GLU A 102 -5.49 -1.10 8.43
C GLU A 102 -6.80 -1.01 9.19
N HIS A 103 -7.86 -0.68 8.42
CA HIS A 103 -9.24 -0.50 8.89
C HIS A 103 -9.44 0.57 9.98
N ASN A 104 -8.63 1.62 9.95
CA ASN A 104 -8.80 2.74 10.84
C ASN A 104 -9.51 3.82 10.06
N ALA A 105 -10.84 3.83 10.16
CA ALA A 105 -11.72 4.66 9.33
C ALA A 105 -11.60 6.17 9.51
N ASN A 106 -11.65 6.63 10.76
CA ASN A 106 -11.56 8.05 11.08
C ASN A 106 -10.21 8.67 10.70
N ALA A 107 -9.15 7.90 10.88
CA ALA A 107 -7.82 8.36 10.52
C ALA A 107 -7.67 8.42 9.00
N ALA A 108 -8.41 7.55 8.30
CA ALA A 108 -8.40 7.56 6.84
C ALA A 108 -9.14 8.78 6.28
N LEU A 109 -10.38 8.99 6.72
CA LEU A 109 -11.16 10.14 6.24
C LEU A 109 -10.46 11.48 6.50
N ALA A 110 -9.91 11.62 7.70
CA ALA A 110 -9.13 12.77 8.06
C ALA A 110 -8.00 13.00 7.07
N SER A 111 -7.32 11.92 6.69
CA SER A 111 -6.18 12.03 5.80
C SER A 111 -6.52 12.44 4.36
N LEU A 112 -7.63 11.92 3.85
CA LEU A 112 -8.15 12.29 2.53
C LEU A 112 -8.56 13.73 2.51
N ARG A 113 -9.28 14.13 3.55
CA ARG A 113 -9.76 15.48 3.64
C ARG A 113 -8.57 16.41 3.58
N ALA A 114 -7.58 16.12 4.43
CA ALA A 114 -6.33 16.88 4.52
C ALA A 114 -5.55 16.90 3.23
N TRP A 115 -5.59 15.79 2.49
CA TRP A 115 -4.99 15.69 1.14
C TRP A 115 -5.59 16.71 0.16
N LEU A 116 -6.91 16.88 0.25
CA LEU A 116 -7.65 17.76 -0.62
C LEU A 116 -7.39 19.19 -0.21
N LEU A 117 -7.62 19.50 1.06
CA LEU A 117 -7.59 20.88 1.51
C LEU A 117 -6.20 21.52 1.53
N SER A 118 -5.16 20.71 1.43
CA SER A 118 -3.78 21.21 1.36
C SER A 118 -3.39 21.68 -0.04
N GLN A 119 -4.05 21.12 -1.06
CA GLN A 119 -3.87 21.57 -2.44
C GLN A 119 -4.39 22.99 -2.60
N PRO A 120 -3.51 23.93 -3.03
CA PRO A 120 -3.96 25.32 -3.12
C PRO A 120 -5.16 25.49 -4.07
N GLN A 121 -5.28 24.62 -5.07
CA GLN A 121 -6.35 24.75 -6.07
C GLN A 121 -7.72 24.31 -5.56
N TYR A 122 -7.75 23.72 -4.36
CA TYR A 122 -9.00 23.26 -3.73
C TYR A 122 -9.34 23.93 -2.38
N GLU A 123 -8.36 24.57 -1.74
CA GLU A 123 -8.56 25.19 -0.41
C GLU A 123 -9.74 26.17 -0.34
N GLN A 124 -10.32 26.49 -1.49
CA GLN A 124 -11.57 27.24 -1.58
C GLN A 124 -12.73 26.46 -0.94
N LEU A 125 -12.59 25.14 -0.85
CA LEU A 125 -13.67 24.25 -0.37
C LEU A 125 -13.83 24.20 1.14
N GLY A 126 -12.85 24.73 1.87
CA GLY A 126 -12.91 24.82 3.33
C GLY A 126 -14.12 25.53 3.91
N SER A 127 -14.94 26.12 3.02
CA SER A 127 -16.22 26.73 3.40
C SER A 127 -17.36 25.71 3.25
N VAL A 128 -17.50 24.90 4.29
CA VAL A 128 -18.30 23.68 4.27
C VAL A 128 -19.74 23.90 4.81
N ASN A 129 -20.48 22.80 5.00
CA ASN A 129 -21.84 22.78 5.57
C ASN A 129 -22.77 21.76 4.94
N GLU A 144 -29.70 4.84 7.22
CA GLU A 144 -30.81 5.71 6.85
C GLU A 144 -30.87 6.02 5.34
N ASP A 145 -29.79 6.56 4.79
CA ASP A 145 -29.72 6.83 3.35
C ASP A 145 -28.44 6.30 2.66
N PHE A 146 -27.29 6.93 2.85
CA PHE A 146 -26.01 6.31 2.42
C PHE A 146 -25.08 5.83 3.57
N PHE A 147 -24.20 4.89 3.24
CA PHE A 147 -23.67 3.88 4.18
C PHE A 147 -23.07 4.29 5.56
N PHE A 148 -21.83 4.75 5.57
CA PHE A 148 -20.88 4.51 6.67
C PHE A 148 -21.18 4.86 8.13
N ALA A 149 -20.89 3.89 9.00
CA ALA A 149 -20.72 4.12 10.45
C ALA A 149 -19.33 4.76 10.73
N ALA A 150 -19.37 5.92 11.39
CA ALA A 150 -18.46 7.08 11.22
C ALA A 150 -19.01 8.03 10.10
N PRO A 151 -20.28 8.48 10.24
CA PRO A 151 -21.13 8.99 9.16
C PRO A 151 -21.01 10.46 8.70
N ASN A 152 -20.90 11.40 9.64
CA ASN A 152 -20.77 12.84 9.29
C ASN A 152 -19.46 13.13 8.53
N GLU A 153 -18.37 12.54 9.04
CA GLU A 153 -17.03 12.57 8.45
C GLU A 153 -17.01 12.04 7.01
N TYR A 154 -17.76 10.97 6.75
CA TYR A 154 -17.82 10.37 5.43
C TYR A 154 -18.75 11.12 4.47
N ARG A 155 -19.89 11.64 4.94
CA ARG A 155 -20.76 12.42 4.07
C ARG A 155 -20.04 13.71 3.67
N GLU A 156 -19.28 14.26 4.60
CA GLU A 156 -18.51 15.47 4.34
C GLU A 156 -17.53 15.25 3.19
N CYS A 157 -16.52 14.42 3.38
CA CYS A 157 -15.50 14.39 2.36
C CYS A 157 -15.85 13.64 1.07
N ARG A 158 -17.03 13.01 1.06
CA ARG A 158 -17.62 12.53 -0.20
C ARG A 158 -18.23 13.71 -0.99
N THR A 159 -19.01 14.55 -0.34
CA THR A 159 -19.41 15.81 -0.92
C THR A 159 -18.18 16.57 -1.40
N LEU A 160 -17.23 16.81 -0.49
CA LEU A 160 -16.04 17.64 -0.78
C LEU A 160 -15.26 17.22 -2.03
N LEU A 161 -15.19 15.91 -2.27
CA LEU A 161 -14.44 15.35 -3.39
C LEU A 161 -15.25 15.34 -4.67
N HIS A 162 -16.57 15.40 -4.57
CA HIS A 162 -17.41 15.53 -5.76
C HIS A 162 -17.43 16.95 -6.26
N ALA A 163 -17.50 17.90 -5.34
CA ALA A 163 -17.34 19.32 -5.65
C ALA A 163 -16.00 19.54 -6.34
N ALA A 164 -14.98 18.83 -5.85
CA ALA A 164 -13.65 18.92 -6.39
C ALA A 164 -13.68 18.29 -7.76
N LEU A 165 -14.53 17.28 -7.91
CA LEU A 165 -14.60 16.59 -9.17
C LEU A 165 -15.38 17.35 -10.24
N GLU A 166 -16.35 18.18 -9.85
CA GLU A 166 -17.00 19.01 -10.86
C GLU A 166 -16.29 20.36 -11.10
N MET A 167 -15.19 20.60 -10.39
CA MET A 167 -14.27 21.68 -10.74
C MET A 167 -13.29 21.22 -11.79
N ASN A 168 -12.77 20.00 -11.62
CA ASN A 168 -11.74 19.44 -12.48
C ASN A 168 -12.09 18.01 -12.96
N PRO A 169 -12.99 17.90 -13.96
CA PRO A 169 -13.57 16.64 -14.42
C PRO A 169 -12.62 15.45 -14.56
N ASN A 170 -11.36 15.70 -14.93
CA ASN A 170 -10.47 14.58 -15.21
C ASN A 170 -9.20 14.52 -14.40
N ASP A 171 -9.23 15.01 -13.16
CA ASP A 171 -8.11 14.87 -12.25
C ASP A 171 -7.99 13.39 -11.83
N ALA A 172 -6.92 12.73 -12.29
CA ALA A 172 -6.70 11.33 -11.95
C ALA A 172 -6.55 11.11 -10.45
N GLN A 173 -5.81 11.97 -9.77
CA GLN A 173 -5.63 11.79 -8.34
C GLN A 173 -6.95 12.01 -7.58
N LEU A 174 -7.89 12.73 -8.18
CA LEU A 174 -9.25 12.85 -7.62
C LEU A 174 -10.09 11.57 -7.74
N HIS A 175 -9.99 10.88 -8.87
CA HIS A 175 -10.65 9.58 -9.01
C HIS A 175 -10.03 8.56 -8.07
N ALA A 176 -8.70 8.44 -8.09
CA ALA A 176 -7.96 7.52 -7.21
C ALA A 176 -8.32 7.72 -5.75
N SER A 177 -8.53 8.97 -5.33
CA SER A 177 -9.06 9.31 -4.01
C SER A 177 -10.52 8.89 -3.78
N LEU A 178 -11.36 9.00 -4.80
CA LEU A 178 -12.73 8.54 -4.66
C LEU A 178 -12.72 7.02 -4.49
N GLY A 179 -11.83 6.37 -5.26
CA GLY A 179 -11.61 4.95 -5.17
C GLY A 179 -11.22 4.54 -3.78
N VAL A 180 -10.24 5.24 -3.20
CA VAL A 180 -9.87 4.99 -1.81
C VAL A 180 -11.09 5.07 -0.88
N LEU A 181 -11.87 6.15 -0.98
CA LEU A 181 -13.05 6.35 -0.13
C LEU A 181 -14.11 5.26 -0.27
N TYR A 182 -14.37 4.83 -1.51
CA TYR A 182 -15.41 3.84 -1.76
C TYR A 182 -15.01 2.42 -1.33
N ASN A 183 -13.72 2.20 -1.12
CA ASN A 183 -13.24 0.96 -0.51
C ASN A 183 -13.58 0.89 0.96
N LEU A 184 -13.53 2.04 1.63
CA LEU A 184 -13.84 2.13 3.05
C LEU A 184 -15.30 1.84 3.36
N SER A 185 -16.18 2.18 2.43
CA SER A 185 -17.61 1.93 2.56
C SER A 185 -18.04 0.65 1.86
N ASN A 186 -17.07 -0.03 1.24
CA ASN A 186 -17.30 -1.37 0.67
C ASN A 186 -18.14 -1.35 -0.59
N ASN A 187 -18.01 -0.25 -1.33
CA ASN A 187 -18.66 -0.01 -2.60
C ASN A 187 -17.68 -0.16 -3.75
N TYR A 188 -17.21 -1.39 -3.93
CA TYR A 188 -16.19 -1.68 -4.93
C TYR A 188 -16.75 -1.49 -6.34
N ASP A 189 -18.06 -1.36 -6.40
CA ASP A 189 -18.80 -1.00 -7.61
C ASP A 189 -18.29 0.36 -8.11
N SER A 190 -18.45 1.39 -7.28
CA SER A 190 -18.04 2.75 -7.60
C SER A 190 -16.52 2.93 -7.55
N ALA A 191 -15.88 2.28 -6.58
CA ALA A 191 -14.42 2.32 -6.48
C ALA A 191 -13.73 1.87 -7.78
N ALA A 192 -14.18 0.75 -8.34
CA ALA A 192 -13.66 0.28 -9.61
C ALA A 192 -13.97 1.21 -10.78
N ALA A 193 -15.13 1.88 -10.78
CA ALA A 193 -15.44 2.82 -11.86
C ALA A 193 -14.43 3.96 -11.85
N ASN A 194 -14.23 4.57 -10.68
CA ASN A 194 -13.27 5.65 -10.49
C ASN A 194 -11.81 5.26 -10.70
N LEU A 195 -11.40 4.12 -10.15
CA LEU A 195 -10.01 3.72 -10.31
C LEU A 195 -9.72 3.26 -11.69
N ARG A 196 -10.77 2.85 -12.40
CA ARG A 196 -10.63 2.57 -13.83
C ARG A 196 -10.45 3.89 -14.59
N ARG A 197 -11.12 4.94 -14.15
CA ARG A 197 -10.98 6.24 -14.79
C ARG A 197 -9.59 6.81 -14.55
N ALA A 198 -9.07 6.58 -13.34
CA ALA A 198 -7.74 7.01 -12.90
C ALA A 198 -6.55 6.38 -13.63
N VAL A 199 -6.51 5.05 -13.81
CA VAL A 199 -5.61 4.46 -14.81
C VAL A 199 -6.30 4.83 -16.12
N GLU A 200 -5.62 4.79 -17.25
CA GLU A 200 -6.19 5.35 -18.48
C GLU A 200 -5.58 6.71 -18.66
N LEU A 201 -5.96 7.62 -17.77
CA LEU A 201 -5.12 8.73 -17.39
C LEU A 201 -4.02 7.97 -16.69
N ARG A 202 -2.76 8.29 -16.93
CA ARG A 202 -1.68 7.57 -16.25
C ARG A 202 -1.80 6.02 -16.35
N PRO A 203 -1.64 5.47 -17.56
CA PRO A 203 -1.70 4.01 -17.68
C PRO A 203 -0.40 3.30 -17.32
N ASP A 204 0.58 4.04 -16.78
CA ASP A 204 1.86 3.48 -16.40
C ASP A 204 2.15 3.72 -14.92
N ASP A 205 1.11 4.07 -14.17
CA ASP A 205 1.20 4.19 -12.72
C ASP A 205 0.93 2.84 -12.06
N ALA A 206 1.98 2.30 -11.46
CA ALA A 206 1.91 1.01 -10.79
C ALA A 206 1.05 1.08 -9.53
N GLN A 207 1.22 2.17 -8.76
CA GLN A 207 0.41 2.43 -7.57
C GLN A 207 -1.07 2.30 -7.94
N LEU A 208 -1.44 2.84 -9.09
CA LEU A 208 -2.84 2.89 -9.50
C LEU A 208 -3.38 1.58 -10.07
N TRP A 209 -2.53 0.77 -10.70
CA TRP A 209 -2.95 -0.54 -11.23
C TRP A 209 -3.23 -1.52 -10.09
N ASN A 210 -2.40 -1.48 -9.04
CA ASN A 210 -2.60 -2.22 -7.81
C ASN A 210 -3.93 -1.86 -7.18
N LYS A 211 -4.16 -0.57 -6.93
CA LYS A 211 -5.45 -0.12 -6.35
C LYS A 211 -6.67 -0.74 -7.06
N LEU A 212 -6.64 -0.77 -8.40
CA LEU A 212 -7.72 -1.40 -9.18
C LEU A 212 -7.80 -2.87 -8.81
N GLY A 213 -6.66 -3.56 -8.95
CA GLY A 213 -6.52 -4.94 -8.52
C GLY A 213 -7.19 -5.22 -7.19
N ALA A 214 -6.87 -4.44 -6.17
CA ALA A 214 -7.42 -4.70 -4.87
C ALA A 214 -8.91 -4.40 -4.80
N THR A 215 -9.35 -3.35 -5.46
CA THR A 215 -10.77 -3.00 -5.46
C THR A 215 -11.57 -4.14 -6.05
N LEU A 216 -11.17 -4.58 -7.24
CA LEU A 216 -11.77 -5.72 -7.92
C LEU A 216 -11.79 -6.97 -7.06
N ALA A 217 -10.64 -7.33 -6.47
CA ALA A 217 -10.50 -8.52 -5.64
C ALA A 217 -11.41 -8.50 -4.42
N ASN A 218 -11.47 -7.36 -3.74
CA ASN A 218 -12.36 -7.16 -2.59
C ASN A 218 -13.84 -7.28 -2.96
N GLY A 219 -14.20 -6.83 -4.17
CA GLY A 219 -15.54 -6.91 -4.72
C GLY A 219 -15.78 -8.20 -5.47
N ASN A 220 -14.99 -9.20 -5.14
CA ASN A 220 -15.21 -10.58 -5.56
C ASN A 220 -14.97 -10.94 -7.03
N ARG A 221 -14.18 -10.11 -7.70
CA ARG A 221 -13.76 -10.41 -9.05
C ARG A 221 -12.23 -10.64 -9.08
N PRO A 222 -11.77 -11.75 -8.46
CA PRO A 222 -10.33 -11.97 -8.45
C PRO A 222 -9.78 -12.22 -9.86
N GLN A 223 -10.58 -12.87 -10.72
CA GLN A 223 -10.18 -13.10 -12.10
C GLN A 223 -9.59 -11.86 -12.76
N GLU A 224 -10.41 -10.82 -12.93
CA GLU A 224 -9.99 -9.52 -13.46
C GLU A 224 -8.82 -8.93 -12.70
N ALA A 225 -8.93 -8.93 -11.37
CA ALA A 225 -7.86 -8.44 -10.49
C ALA A 225 -6.47 -8.90 -10.94
N LEU A 226 -6.28 -10.22 -11.05
CA LEU A 226 -5.02 -10.79 -11.54
C LEU A 226 -4.48 -10.14 -12.81
N ASP A 227 -5.34 -9.69 -13.72
CA ASP A 227 -4.89 -8.86 -14.84
C ASP A 227 -4.30 -7.55 -14.33
N ALA A 228 -5.06 -6.80 -13.52
CA ALA A 228 -4.62 -5.51 -13.04
C ALA A 228 -3.29 -5.56 -12.29
N TYR A 229 -3.08 -6.60 -11.51
CA TYR A 229 -1.83 -6.81 -10.81
C TYR A 229 -0.64 -7.08 -11.76
N ASN A 230 -0.86 -7.74 -12.89
CA ASN A 230 0.22 -8.02 -13.86
C ASN A 230 0.77 -6.77 -14.54
N ARG A 231 -0.12 -5.84 -14.88
CA ARG A 231 0.27 -4.56 -15.42
C ARG A 231 1.16 -3.81 -14.43
N ALA A 232 0.80 -3.90 -13.15
CA ALA A 232 1.59 -3.30 -12.05
C ALA A 232 3.02 -3.85 -11.97
N LEU A 233 3.17 -5.17 -12.03
CA LEU A 233 4.50 -5.81 -12.00
C LEU A 233 5.31 -5.64 -13.29
N ASP A 234 4.63 -5.33 -14.38
CA ASP A 234 5.28 -4.98 -15.63
C ASP A 234 5.98 -3.63 -15.52
N ILE A 235 5.40 -2.75 -14.70
CA ILE A 235 5.91 -1.40 -14.45
C ILE A 235 6.93 -1.37 -13.31
N ASN A 236 6.56 -1.96 -12.17
CA ASN A 236 7.54 -2.14 -11.09
C ASN A 236 7.73 -3.60 -10.73
N PRO A 237 8.69 -4.27 -11.41
CA PRO A 237 8.91 -5.70 -11.30
C PRO A 237 9.24 -6.21 -9.88
N GLY A 238 9.45 -5.31 -8.93
CA GLY A 238 9.77 -5.67 -7.55
C GLY A 238 8.98 -4.88 -6.53
N TYR A 239 7.65 -5.04 -6.58
CA TYR A 239 6.63 -4.34 -5.77
C TYR A 239 6.02 -5.45 -4.92
N VAL A 240 6.36 -5.50 -3.62
CA VAL A 240 6.08 -6.68 -2.78
C VAL A 240 4.61 -6.91 -2.39
N ARG A 241 3.94 -5.87 -1.89
CA ARG A 241 2.48 -5.76 -1.94
C ARG A 241 2.19 -6.07 -3.39
N VAL A 242 1.03 -6.59 -3.75
CA VAL A 242 0.82 -7.03 -5.17
C VAL A 242 1.27 -8.46 -5.38
N MET A 243 2.54 -8.75 -5.12
CA MET A 243 2.99 -10.14 -5.09
C MET A 243 2.15 -10.81 -4.01
N TYR A 244 2.09 -10.16 -2.84
CA TYR A 244 1.22 -10.59 -1.79
C TYR A 244 -0.24 -10.55 -2.24
N ASN A 245 -0.66 -9.45 -2.84
CA ASN A 245 -2.03 -9.33 -3.31
C ASN A 245 -2.44 -10.39 -4.34
N MET A 246 -1.47 -10.90 -5.09
CA MET A 246 -1.75 -11.95 -6.03
C MET A 246 -1.97 -13.28 -5.32
N ALA A 247 -1.31 -13.44 -4.19
CA ALA A 247 -1.47 -14.64 -3.38
C ALA A 247 -2.86 -14.64 -2.80
N VAL A 248 -3.30 -13.47 -2.33
CA VAL A 248 -4.63 -13.29 -1.72
C VAL A 248 -5.80 -13.64 -2.68
N SER A 249 -5.63 -13.35 -3.98
CA SER A 249 -6.67 -13.68 -4.95
C SER A 249 -6.61 -15.14 -5.29
N TYR A 250 -5.41 -15.66 -5.50
CA TYR A 250 -5.25 -17.08 -5.78
C TYR A 250 -5.77 -17.94 -4.62
N SER A 251 -5.57 -17.45 -3.38
CA SER A 251 -6.09 -18.11 -2.19
C SER A 251 -7.61 -18.07 -2.11
N ASN A 252 -8.17 -16.92 -2.39
CA ASN A 252 -9.61 -16.75 -2.42
C ASN A 252 -10.33 -17.56 -3.49
N MET A 253 -9.62 -17.92 -4.55
CA MET A 253 -10.19 -18.79 -5.58
C MET A 253 -9.87 -20.25 -5.34
N SER A 254 -9.31 -20.57 -4.18
CA SER A 254 -8.92 -21.92 -3.79
C SER A 254 -8.05 -22.58 -4.85
N GLN A 255 -7.06 -21.83 -5.33
CA GLN A 255 -6.01 -22.37 -6.18
C GLN A 255 -4.74 -22.22 -5.34
N TYR A 256 -4.54 -23.15 -4.41
CA TYR A 256 -3.55 -22.94 -3.35
C TYR A 256 -2.10 -23.19 -3.81
N ASP A 257 -1.89 -24.04 -4.82
CA ASP A 257 -0.56 -24.16 -5.44
C ASP A 257 -0.04 -22.78 -5.87
N LEU A 258 -0.86 -22.07 -6.65
CA LEU A 258 -0.54 -20.75 -7.18
C LEU A 258 -0.34 -19.72 -6.05
N ALA A 259 -1.31 -19.60 -5.16
CA ALA A 259 -1.15 -18.72 -4.00
C ALA A 259 0.20 -18.97 -3.35
N ALA A 260 0.53 -20.24 -3.11
CA ALA A 260 1.78 -20.65 -2.45
C ALA A 260 3.01 -20.22 -3.22
N LYS A 261 3.04 -20.46 -4.52
CA LYS A 261 4.17 -20.02 -5.34
C LYS A 261 4.36 -18.51 -5.20
N GLN A 262 3.25 -17.77 -5.28
CA GLN A 262 3.27 -16.32 -5.33
C GLN A 262 3.68 -15.68 -4.03
N LEU A 263 3.35 -16.34 -2.93
CA LEU A 263 3.68 -15.85 -1.60
C LEU A 263 5.16 -16.01 -1.32
N VAL A 264 5.74 -17.09 -1.86
CA VAL A 264 7.16 -17.34 -1.72
C VAL A 264 7.97 -16.25 -2.43
N ARG A 265 7.65 -15.99 -3.70
CA ARG A 265 8.26 -14.88 -4.44
C ARG A 265 8.13 -13.57 -3.63
N ALA A 266 6.98 -13.36 -3.01
CA ALA A 266 6.71 -12.17 -2.20
C ALA A 266 7.52 -12.13 -0.92
N ILE A 267 7.66 -13.27 -0.25
CA ILE A 267 8.46 -13.39 0.96
C ILE A 267 9.94 -13.17 0.65
N TYR A 268 10.44 -13.85 -0.39
CA TYR A 268 11.81 -13.68 -0.86
C TYR A 268 12.11 -12.21 -1.09
N MET A 269 11.28 -11.57 -1.91
CA MET A 269 11.53 -10.21 -2.36
C MET A 269 11.38 -9.20 -1.22
N GLN A 270 10.65 -9.58 -0.16
CA GLN A 270 10.53 -8.76 1.05
C GLN A 270 11.88 -8.51 1.74
N VAL A 271 12.82 -9.46 1.63
CA VAL A 271 14.17 -9.28 2.13
C VAL A 271 15.19 -9.45 1.02
N ALA A 284 14.47 -11.13 7.93
CA ALA A 284 13.22 -11.65 8.47
C ALA A 284 11.97 -11.06 7.74
N THR A 285 10.75 -11.56 7.98
CA THR A 285 9.53 -11.08 7.24
C THR A 285 8.25 -10.60 7.99
N ARG A 286 7.39 -11.50 8.47
CA ARG A 286 6.14 -11.09 9.18
C ARG A 286 5.07 -12.19 9.36
N SER A 287 3.85 -11.75 9.69
CA SER A 287 2.64 -12.58 9.61
C SER A 287 2.43 -13.12 8.19
N MET A 288 3.32 -12.70 7.30
CA MET A 288 3.47 -13.28 5.99
C MET A 288 3.68 -14.80 6.13
N TRP A 289 4.45 -15.18 7.14
CA TRP A 289 4.69 -16.61 7.43
C TRP A 289 3.45 -17.32 7.94
N ASP A 290 2.67 -16.63 8.77
CA ASP A 290 1.36 -17.12 9.22
C ASP A 290 0.43 -17.41 8.04
N PHE A 291 0.40 -16.51 7.06
CA PHE A 291 -0.40 -16.71 5.86
C PHE A 291 0.07 -17.93 5.07
N PHE A 292 1.39 -18.05 4.88
CA PHE A 292 1.95 -19.23 4.22
C PHE A 292 1.70 -20.53 5.03
N ARG A 293 1.65 -20.43 6.36
CA ARG A 293 1.38 -21.59 7.19
C ARG A 293 -0.02 -22.14 6.97
N MET A 294 -1.02 -21.26 6.80
CA MET A 294 -2.38 -21.74 6.55
C MET A 294 -2.63 -22.26 5.13
N LEU A 295 -1.78 -21.90 4.18
CA LEU A 295 -1.86 -22.44 2.83
C LEU A 295 -1.42 -23.90 2.80
N LEU A 296 -0.23 -24.14 3.35
CA LEU A 296 0.34 -25.48 3.41
C LEU A 296 -0.56 -26.40 4.22
N ASN A 297 -1.37 -25.79 5.07
CA ASN A 297 -2.30 -26.47 5.95
C ASN A 297 -3.44 -27.07 5.17
N VAL A 298 -4.25 -26.20 4.58
CA VAL A 298 -5.41 -26.61 3.79
C VAL A 298 -4.97 -27.53 2.65
N MET A 299 -3.70 -27.40 2.27
CA MET A 299 -3.02 -28.23 1.27
C MET A 299 -2.65 -29.63 1.74
N ASN A 300 -2.81 -29.88 3.03
CA ASN A 300 -2.49 -31.18 3.65
C ASN A 300 -1.02 -31.58 3.60
N ARG A 301 -0.14 -30.60 3.84
CA ARG A 301 1.26 -30.93 4.03
C ARG A 301 1.67 -30.57 5.47
N PRO A 302 1.59 -31.54 6.39
CA PRO A 302 2.02 -31.34 7.78
C PRO A 302 3.53 -31.10 7.88
N ASP A 303 4.29 -31.79 7.02
CA ASP A 303 5.67 -31.41 6.74
C ASP A 303 5.57 -30.09 6.00
N LEU A 304 6.69 -29.41 5.78
CA LEU A 304 6.68 -28.07 5.22
C LEU A 304 6.11 -27.06 6.24
N VAL A 305 4.88 -27.24 6.69
CA VAL A 305 4.31 -26.44 7.80
C VAL A 305 5.21 -26.49 9.03
N GLU A 306 5.79 -27.67 9.27
CA GLU A 306 6.70 -27.90 10.39
C GLU A 306 8.00 -27.08 10.30
N LEU A 307 8.47 -26.85 9.07
CA LEU A 307 9.75 -26.16 8.88
C LEU A 307 9.64 -24.71 8.37
N THR A 308 8.48 -24.08 8.59
CA THR A 308 8.29 -22.65 8.29
C THR A 308 8.97 -21.78 9.34
N TYR A 309 9.32 -22.39 10.46
CA TYR A 309 9.85 -21.65 11.59
C TYR A 309 11.33 -21.28 11.45
N ALA A 310 12.03 -21.93 10.52
CA ALA A 310 13.33 -21.44 10.10
C ALA A 310 13.10 -20.23 9.18
N GLN A 311 14.00 -19.26 9.25
CA GLN A 311 13.95 -18.09 8.37
C GLN A 311 13.82 -18.51 6.89
N ASN A 312 14.29 -19.72 6.58
CA ASN A 312 14.64 -20.11 5.22
C ASN A 312 13.53 -20.36 4.21
N VAL A 313 13.47 -19.48 3.22
CA VAL A 313 12.67 -19.69 2.04
C VAL A 313 13.41 -20.66 1.14
N GLU A 314 14.68 -20.91 1.47
CA GLU A 314 15.57 -21.75 0.66
C GLU A 314 14.98 -23.09 0.21
N PRO A 315 14.51 -23.95 1.16
CA PRO A 315 14.06 -25.28 0.74
C PRO A 315 12.85 -25.29 -0.21
N PHE A 316 11.95 -24.32 -0.05
CA PHE A 316 10.68 -24.29 -0.79
C PHE A 316 10.88 -24.20 -2.31
N ALA A 317 11.07 -25.37 -2.94
CA ALA A 317 11.33 -25.49 -4.38
C ALA A 317 10.07 -25.66 -5.26
N LYS A 318 9.84 -24.63 -6.08
CA LYS A 318 9.08 -24.70 -7.34
C LYS A 318 9.57 -23.56 -8.25
N GLU A 319 10.28 -22.62 -7.63
CA GLU A 319 10.88 -21.47 -8.31
C GLU A 319 12.38 -21.40 -7.98
N PHE A 320 13.18 -20.95 -8.95
CA PHE A 320 14.64 -20.85 -8.76
C PHE A 320 15.29 -19.69 -9.51
N GLY A 321 16.24 -19.06 -8.82
CA GLY A 321 16.92 -17.86 -9.31
C GLY A 321 17.10 -16.91 -8.15
N ASN B 2 -12.17 -15.42 1.61
CA ASN B 2 -12.49 -14.32 2.59
C ASN B 2 -11.33 -13.45 3.04
N ARG B 3 -10.19 -13.52 2.35
CA ARG B 3 -9.03 -12.70 2.75
C ARG B 3 -8.97 -11.28 2.12
N TRP B 4 -8.44 -10.30 2.85
CA TRP B 4 -8.51 -8.87 2.45
C TRP B 4 -7.30 -8.35 1.59
N SER B 5 -7.61 -7.72 0.44
CA SER B 5 -6.60 -7.15 -0.47
C SER B 5 -6.24 -5.70 -0.11
N LYS B 6 -5.01 -5.30 -0.42
CA LYS B 6 -4.47 -4.06 0.08
C LYS B 6 -4.29 -3.03 -1.00
N LEU B 7 -4.63 -1.79 -0.69
CA LEU B 7 -4.52 -0.73 -1.65
C LEU B 7 -3.08 -0.21 -1.74
#